data_4OU7
#
_entry.id   4OU7
#
_cell.length_a   46.408
_cell.length_b   46.689
_cell.length_c   54.392
_cell.angle_alpha   87.33
_cell.angle_beta   86.01
_cell.angle_gamma   70.20
#
_symmetry.space_group_name_H-M   'P 1'
#
loop_
_entity.id
_entity.type
_entity.pdbx_description
1 polymer 'Primosomal protein 1'
2 polymer "DNA (5'-D(P*TP*TP*TP*TP*TP*TP*TP*TP*TP*T)-3')"
#
loop_
_entity_poly.entity_id
_entity_poly.type
_entity_poly.pdbx_seq_one_letter_code
_entity_poly.pdbx_strand_id
1 'polypeptide(L)' VPMGKFAMYPDWQPDADFIRLAALWGVALREPVTTEELASFIAYWQAEGKVFHHVQWQQKLARSLQIGRAS A,B,C,D,E
2 'polydeoxyribonucleotide' (DT)(DT)(DT)(DT)(DT)(DT)(DT)(DT)(DT)(DT) S
#
# COMPACT_ATOMS: atom_id res chain seq x y z
N VAL A 1 -10.45 27.03 -4.21
CA VAL A 1 -10.06 25.74 -3.58
C VAL A 1 -9.50 25.98 -2.18
N PRO A 2 -9.83 25.10 -1.19
CA PRO A 2 -9.24 25.31 0.14
C PRO A 2 -7.72 25.40 0.15
N MET A 3 -7.18 26.14 1.11
CA MET A 3 -5.74 26.32 1.23
C MET A 3 -5.21 25.62 2.49
N GLY A 4 -3.94 25.23 2.42
CA GLY A 4 -3.29 24.58 3.53
C GLY A 4 -3.59 23.10 3.63
N LYS A 5 -2.77 22.41 4.42
CA LYS A 5 -3.00 21.00 4.75
C LYS A 5 -4.19 20.93 5.69
N PHE A 6 -4.99 19.88 5.61
CA PHE A 6 -6.09 19.67 6.57
C PHE A 6 -6.52 18.19 6.65
N ALA A 7 -7.07 17.82 7.78
CA ALA A 7 -7.56 16.47 8.01
C ALA A 7 -8.88 16.36 7.27
N MET A 8 -9.23 15.15 6.84
CA MET A 8 -10.50 14.91 6.15
C MET A 8 -11.63 15.12 7.13
N TYR A 9 -12.76 15.62 6.64
CA TYR A 9 -13.87 15.97 7.51
C TYR A 9 -15.14 15.67 6.76
N PRO A 10 -16.28 15.53 7.49
CA PRO A 10 -17.51 14.95 6.89
C PRO A 10 -18.11 15.72 5.71
N ASP A 11 -18.04 17.04 5.72
CA ASP A 11 -18.68 17.82 4.65
C ASP A 11 -17.78 18.04 3.41
N TRP A 12 -16.56 17.54 3.43
CA TRP A 12 -15.64 17.76 2.33
C TRP A 12 -16.23 17.33 0.99
N GLN A 13 -15.97 18.14 -0.03
CA GLN A 13 -16.34 17.84 -1.41
C GLN A 13 -15.12 18.10 -2.25
N PRO A 14 -14.90 17.28 -3.29
CA PRO A 14 -13.99 17.76 -4.32
C PRO A 14 -14.80 18.74 -5.15
N ASP A 15 -14.15 19.74 -5.71
CA ASP A 15 -14.90 20.76 -6.47
C ASP A 15 -15.65 20.19 -7.70
N ALA A 16 -16.43 21.05 -8.34
CA ALA A 16 -17.02 20.72 -9.64
C ALA A 16 -15.95 20.49 -10.71
N ASP A 17 -14.74 21.03 -10.50
CA ASP A 17 -13.58 20.83 -11.40
C ASP A 17 -12.87 19.46 -11.23
N PHE A 18 -13.41 18.57 -10.40
CA PHE A 18 -12.73 17.33 -10.02
C PHE A 18 -12.56 16.32 -11.14
N ILE A 19 -13.63 16.01 -11.85
CA ILE A 19 -13.56 15.09 -12.98
C ILE A 19 -12.57 15.57 -14.05
N ARG A 20 -12.49 16.89 -14.22
CA ARG A 20 -11.55 17.46 -15.17
C ARG A 20 -10.10 17.17 -14.75
N LEU A 21 -9.79 17.45 -13.49
CA LEU A 21 -8.45 17.23 -12.97
C LEU A 21 -8.07 15.75 -13.01
N ALA A 22 -9.01 14.90 -12.63
CA ALA A 22 -8.77 13.48 -12.64
C ALA A 22 -8.31 13.04 -14.02
N ALA A 23 -8.89 13.61 -15.08
CA ALA A 23 -8.53 13.22 -16.44
C ALA A 23 -7.13 13.73 -16.79
N LEU A 24 -6.82 14.96 -16.38
CA LEU A 24 -5.46 15.49 -16.52
C LEU A 24 -4.42 14.66 -15.74
N TRP A 25 -4.89 13.85 -14.80
CA TRP A 25 -4.00 12.99 -14.07
C TRP A 25 -4.15 11.55 -14.49
N GLY A 26 -4.66 11.31 -15.70
CA GLY A 26 -4.73 9.95 -16.24
C GLY A 26 -5.83 9.05 -15.70
N VAL A 27 -6.80 9.60 -15.00
CA VAL A 27 -7.93 8.82 -14.53
C VAL A 27 -9.19 9.36 -15.18
N ALA A 28 -9.67 8.66 -16.22
CA ALA A 28 -10.86 9.07 -16.95
C ALA A 28 -12.08 8.38 -16.35
N LEU A 29 -13.00 9.18 -15.82
CA LEU A 29 -14.23 8.68 -15.21
C LEU A 29 -15.42 8.90 -16.14
N ARG A 30 -16.22 7.86 -16.33
CA ARG A 30 -17.42 7.96 -17.17
C ARG A 30 -18.48 8.75 -16.42
N GLU A 31 -18.79 8.29 -15.20
CA GLU A 31 -19.91 8.83 -14.43
C GLU A 31 -19.36 9.64 -13.27
N PRO A 32 -20.22 10.49 -12.67
CA PRO A 32 -19.74 11.29 -11.54
C PRO A 32 -19.50 10.48 -10.26
N VAL A 33 -19.02 11.14 -9.23
CA VAL A 33 -18.74 10.52 -7.96
C VAL A 33 -20.08 10.36 -7.24
N THR A 34 -20.35 9.20 -6.65
CA THR A 34 -21.61 9.00 -5.93
C THR A 34 -21.44 9.42 -4.49
N THR A 35 -22.53 9.88 -3.89
CA THR A 35 -22.56 10.26 -2.48
C THR A 35 -21.92 9.20 -1.61
N GLU A 36 -22.11 7.94 -2.00
CA GLU A 36 -21.64 6.80 -1.25
C GLU A 36 -20.14 6.62 -1.36
N GLU A 37 -19.63 6.59 -2.58
CA GLU A 37 -18.18 6.50 -2.78
C GLU A 37 -17.47 7.56 -1.96
N LEU A 38 -18.00 8.77 -2.03
CA LEU A 38 -17.45 9.87 -1.28
C LEU A 38 -17.51 9.63 0.23
N ALA A 39 -18.67 9.19 0.72
CA ALA A 39 -18.90 8.94 2.15
C ALA A 39 -17.91 7.92 2.70
N SER A 40 -17.69 6.90 1.89
CA SER A 40 -16.80 5.83 2.20
C SER A 40 -15.35 6.31 2.23
N PHE A 41 -14.99 7.13 1.26
CA PHE A 41 -13.66 7.71 1.19
C PHE A 41 -13.41 8.58 2.42
N ILE A 42 -14.38 9.42 2.74
CA ILE A 42 -14.27 10.34 3.87
C ILE A 42 -14.10 9.58 5.17
N ALA A 43 -15.03 8.66 5.44
CA ALA A 43 -14.95 7.86 6.66
C ALA A 43 -13.56 7.23 6.85
N TYR A 44 -13.00 6.68 5.79
CA TYR A 44 -11.71 6.00 5.93
C TYR A 44 -10.63 6.98 6.37
N TRP A 45 -10.52 8.11 5.67
CA TRP A 45 -9.40 9.03 5.87
C TRP A 45 -9.56 9.92 7.06
N GLN A 46 -10.80 10.14 7.46
CA GLN A 46 -11.09 10.88 8.69
C GLN A 46 -10.59 10.10 9.90
N ALA A 47 -10.88 8.79 9.93
CA ALA A 47 -10.36 7.89 10.96
C ALA A 47 -8.83 7.79 10.96
N GLU A 48 -8.23 7.85 9.77
CA GLU A 48 -6.78 7.76 9.63
C GLU A 48 -6.05 8.95 10.26
N GLY A 49 -6.64 10.13 10.25
CA GLY A 49 -6.02 11.31 10.87
C GLY A 49 -5.02 12.11 10.00
N LYS A 50 -4.49 11.50 8.95
CA LYS A 50 -3.56 12.18 8.05
C LYS A 50 -4.05 13.52 7.50
N VAL A 51 -3.09 14.35 7.12
CA VAL A 51 -3.31 15.74 6.75
C VAL A 51 -2.75 16.02 5.33
N PHE A 52 -3.55 16.67 4.49
CA PHE A 52 -3.16 16.90 3.10
C PHE A 52 -3.77 18.15 2.52
N HIS A 53 -3.11 18.68 1.49
CA HIS A 53 -3.68 19.73 0.66
C HIS A 53 -4.85 19.17 -0.16
N HIS A 54 -5.84 20.01 -0.42
CA HIS A 54 -7.01 19.64 -1.23
C HIS A 54 -6.68 18.84 -2.50
N VAL A 55 -5.76 19.33 -3.31
CA VAL A 55 -5.39 18.67 -4.58
C VAL A 55 -4.91 17.23 -4.34
N GLN A 56 -4.21 17.06 -3.22
CA GLN A 56 -3.66 15.76 -2.83
C GLN A 56 -4.77 14.80 -2.39
N TRP A 57 -5.70 15.33 -1.60
CA TRP A 57 -6.92 14.61 -1.28
C TRP A 57 -7.68 14.21 -2.55
N GLN A 58 -7.67 15.07 -3.56
CA GLN A 58 -8.39 14.78 -4.79
C GLN A 58 -7.71 13.68 -5.55
N GLN A 59 -6.39 13.68 -5.60
CA GLN A 59 -5.66 12.59 -6.27
C GLN A 59 -5.86 11.24 -5.60
N LYS A 60 -5.98 11.24 -4.29
CA LYS A 60 -6.24 10.00 -3.59
C LYS A 60 -7.62 9.51 -3.93
N LEU A 61 -8.58 10.43 -4.03
CA LEU A 61 -9.95 10.06 -4.40
C LEU A 61 -10.02 9.55 -5.82
N ALA A 62 -9.26 10.17 -6.72
CA ALA A 62 -9.21 9.67 -8.08
C ALA A 62 -8.64 8.25 -8.13
N ARG A 63 -7.54 7.99 -7.41
CA ARG A 63 -6.90 6.69 -7.51
C ARG A 63 -7.84 5.61 -7.00
N SER A 64 -8.53 5.95 -5.92
CA SER A 64 -9.49 5.08 -5.24
C SER A 64 -10.68 4.67 -6.08
N LEU A 65 -11.32 5.65 -6.73
CA LEU A 65 -12.37 5.39 -7.73
C LEU A 65 -11.85 4.51 -8.88
N GLN A 66 -10.69 4.82 -9.41
CA GLN A 66 -10.14 3.97 -10.47
C GLN A 66 -10.10 2.50 -10.04
N ILE A 67 -9.48 2.22 -8.89
CA ILE A 67 -9.46 0.86 -8.32
C ILE A 67 -10.87 0.35 -8.03
N GLY A 68 -11.64 1.13 -7.28
CA GLY A 68 -12.99 0.76 -6.93
C GLY A 68 -13.84 0.31 -8.12
N ARG A 69 -13.75 1.02 -9.24
CA ARG A 69 -14.68 0.83 -10.38
C ARG A 69 -14.16 -0.22 -11.38
N ALA A 70 -12.87 -0.53 -11.33
CA ALA A 70 -12.29 -1.63 -12.12
C ALA A 70 -13.01 -2.95 -11.86
N SER A 71 -13.48 -3.15 -10.62
CA SER A 71 -14.49 -4.16 -10.34
C SER A 71 -15.86 -3.71 -10.82
N VAL B 1 -14.68 -1.19 22.23
CA VAL B 1 -13.56 -1.43 21.27
C VAL B 1 -12.40 -0.52 21.66
N PRO B 2 -11.16 -0.89 21.29
CA PRO B 2 -10.05 0.01 21.59
C PRO B 2 -10.17 1.35 20.87
N MET B 3 -9.49 2.37 21.38
CA MET B 3 -9.25 3.59 20.64
C MET B 3 -8.05 3.34 19.72
N GLY B 4 -8.00 4.08 18.62
CA GLY B 4 -6.89 4.02 17.70
C GLY B 4 -6.94 2.76 16.88
N LYS B 5 -5.81 2.45 16.25
CA LYS B 5 -5.68 1.27 15.42
C LYS B 5 -5.51 0.04 16.30
N PHE B 6 -5.99 -1.10 15.81
CA PHE B 6 -5.87 -2.35 16.54
C PHE B 6 -6.12 -3.58 15.65
N ALA B 7 -5.52 -4.68 16.06
CA ALA B 7 -5.65 -5.93 15.34
C ALA B 7 -7.01 -6.55 15.68
N MET B 8 -7.57 -7.28 14.73
CA MET B 8 -8.85 -7.92 14.91
C MET B 8 -8.75 -8.93 16.06
N TYR B 9 -9.85 -9.18 16.73
CA TYR B 9 -9.85 -10.04 17.92
C TYR B 9 -11.21 -10.71 18.07
N PRO B 10 -11.27 -11.84 18.80
CA PRO B 10 -12.42 -12.74 18.73
C PRO B 10 -13.79 -12.15 19.12
N ASP B 11 -13.86 -11.27 20.12
CA ASP B 11 -15.17 -10.78 20.56
C ASP B 11 -15.51 -9.40 19.97
N TRP B 12 -14.82 -9.01 18.92
CA TRP B 12 -15.10 -7.76 18.23
C TRP B 12 -16.46 -7.84 17.61
N GLN B 13 -17.15 -6.71 17.62
CA GLN B 13 -18.42 -6.58 16.93
C GLN B 13 -18.53 -5.21 16.29
N PRO B 14 -19.17 -5.14 15.11
CA PRO B 14 -19.44 -3.83 14.55
C PRO B 14 -20.54 -3.14 15.35
N ASP B 15 -20.85 -1.89 15.00
CA ASP B 15 -21.85 -1.11 15.73
C ASP B 15 -23.23 -1.69 15.52
N ALA B 16 -24.14 -1.39 16.44
CA ALA B 16 -25.53 -1.83 16.29
C ALA B 16 -26.11 -1.36 14.96
N ASP B 17 -25.81 -0.13 14.56
CA ASP B 17 -26.35 0.45 13.32
C ASP B 17 -25.42 0.21 12.12
N PHE B 18 -24.74 -0.94 12.13
CA PHE B 18 -23.75 -1.28 11.13
C PHE B 18 -24.34 -1.30 9.74
N ILE B 19 -25.54 -1.88 9.61
CA ILE B 19 -26.23 -1.93 8.31
C ILE B 19 -26.48 -0.52 7.73
N ARG B 20 -26.83 0.43 8.60
CA ARG B 20 -27.00 1.82 8.20
C ARG B 20 -25.72 2.36 7.57
N LEU B 21 -24.61 2.15 8.27
CA LEU B 21 -23.31 2.61 7.83
C LEU B 21 -22.96 2.00 6.50
N ALA B 22 -23.19 0.71 6.37
CA ALA B 22 -22.86 0.03 5.12
C ALA B 22 -23.66 0.63 3.96
N ALA B 23 -24.89 1.05 4.23
CA ALA B 23 -25.68 1.65 3.16
C ALA B 23 -25.06 2.98 2.73
N LEU B 24 -24.63 3.76 3.72
CA LEU B 24 -24.01 5.05 3.49
C LEU B 24 -22.71 4.91 2.72
N TRP B 25 -22.09 3.72 2.80
CA TRP B 25 -20.88 3.41 2.04
C TRP B 25 -21.21 2.63 0.78
N GLY B 26 -22.45 2.68 0.33
CA GLY B 26 -22.82 2.04 -0.93
C GLY B 26 -22.85 0.53 -0.93
N VAL B 27 -23.17 -0.08 0.20
CA VAL B 27 -23.40 -1.51 0.25
C VAL B 27 -24.72 -1.76 0.95
N ALA B 28 -25.73 -2.12 0.16
CA ALA B 28 -27.08 -2.39 0.68
C ALA B 28 -27.23 -3.87 1.02
N LEU B 29 -27.36 -4.14 2.32
CA LEU B 29 -27.55 -5.48 2.83
C LEU B 29 -29.02 -5.74 3.12
N ARG B 30 -29.51 -6.85 2.61
CA ARG B 30 -30.91 -7.23 2.79
C ARG B 30 -31.10 -7.84 4.16
N GLU B 31 -30.29 -8.85 4.46
CA GLU B 31 -30.41 -9.61 5.69
C GLU B 31 -29.28 -9.22 6.63
N PRO B 32 -29.48 -9.43 7.95
CA PRO B 32 -28.45 -9.01 8.90
C PRO B 32 -27.19 -9.88 8.86
N VAL B 33 -26.15 -9.42 9.54
CA VAL B 33 -24.88 -10.12 9.63
C VAL B 33 -25.09 -11.33 10.51
N THR B 34 -24.78 -12.51 9.99
CA THR B 34 -24.91 -13.73 10.76
C THR B 34 -23.68 -13.96 11.60
N THR B 35 -23.86 -14.65 12.71
CA THR B 35 -22.76 -15.06 13.57
C THR B 35 -21.61 -15.74 12.81
N GLU B 36 -21.97 -16.50 11.77
CA GLU B 36 -20.99 -17.25 11.00
C GLU B 36 -20.15 -16.32 10.14
N GLU B 37 -20.80 -15.40 9.44
CA GLU B 37 -20.11 -14.42 8.59
C GLU B 37 -19.06 -13.60 9.37
N LEU B 38 -19.46 -13.19 10.57
CA LEU B 38 -18.60 -12.41 11.43
C LEU B 38 -17.42 -13.25 11.94
N ALA B 39 -17.70 -14.47 12.40
CA ALA B 39 -16.66 -15.37 12.89
C ALA B 39 -15.57 -15.64 11.83
N SER B 40 -16.02 -15.77 10.59
CA SER B 40 -15.15 -16.02 9.47
C SER B 40 -14.27 -14.80 9.14
N PHE B 41 -14.89 -13.62 9.12
CA PHE B 41 -14.19 -12.37 8.94
C PHE B 41 -13.10 -12.20 10.02
N ILE B 42 -13.50 -12.38 11.28
CA ILE B 42 -12.61 -12.17 12.42
C ILE B 42 -11.42 -13.10 12.32
N ALA B 43 -11.70 -14.40 12.17
CA ALA B 43 -10.65 -15.40 11.98
C ALA B 43 -9.64 -14.96 10.92
N TYR B 44 -10.14 -14.56 9.75
CA TYR B 44 -9.26 -14.25 8.65
C TYR B 44 -8.31 -13.12 9.03
N TRP B 45 -8.87 -12.02 9.55
CA TRP B 45 -8.09 -10.81 9.83
C TRP B 45 -7.30 -10.83 11.11
N GLN B 46 -7.74 -11.65 12.05
CA GLN B 46 -7.01 -11.86 13.29
C GLN B 46 -5.66 -12.55 12.94
N ALA B 47 -5.73 -13.51 12.02
CA ALA B 47 -4.55 -14.23 11.54
C ALA B 47 -3.56 -13.29 10.85
N GLU B 48 -4.12 -12.41 10.01
CA GLU B 48 -3.41 -11.50 9.16
C GLU B 48 -2.60 -10.53 10.00
N GLY B 49 -3.19 -10.06 11.09
CA GLY B 49 -2.47 -9.20 12.03
C GLY B 49 -2.31 -7.73 11.69
N LYS B 50 -2.79 -7.29 10.53
CA LYS B 50 -2.91 -5.85 10.23
C LYS B 50 -3.76 -5.11 11.27
N VAL B 51 -3.57 -3.80 11.37
CA VAL B 51 -4.25 -2.97 12.37
C VAL B 51 -5.03 -1.83 11.72
N PHE B 52 -6.20 -1.55 12.26
CA PHE B 52 -7.09 -0.52 11.69
C PHE B 52 -7.96 0.12 12.75
N HIS B 53 -8.47 1.30 12.41
CA HIS B 53 -9.51 1.91 13.20
C HIS B 53 -10.82 1.12 13.08
N HIS B 54 -11.61 1.16 14.15
CA HIS B 54 -12.89 0.49 14.22
C HIS B 54 -13.71 0.72 12.96
N VAL B 55 -13.75 1.95 12.49
CA VAL B 55 -14.63 2.27 11.37
C VAL B 55 -14.09 1.71 10.04
N GLN B 56 -12.77 1.57 9.96
CA GLN B 56 -12.14 1.00 8.79
C GLN B 56 -12.36 -0.51 8.75
N TRP B 57 -12.34 -1.13 9.93
CA TRP B 57 -12.67 -2.52 10.06
C TRP B 57 -14.10 -2.78 9.59
N GLN B 58 -15.02 -1.87 9.91
CA GLN B 58 -16.42 -2.02 9.52
C GLN B 58 -16.57 -1.87 8.01
N GLN B 59 -15.76 -1.01 7.42
CA GLN B 59 -15.73 -0.87 5.97
C GLN B 59 -15.22 -2.13 5.31
N LYS B 60 -14.23 -2.77 5.93
CA LYS B 60 -13.74 -4.04 5.43
C LYS B 60 -14.80 -5.11 5.55
N LEU B 61 -15.54 -5.08 6.66
CA LEU B 61 -16.60 -6.06 6.86
C LEU B 61 -17.72 -5.90 5.84
N ALA B 62 -18.14 -4.66 5.60
CA ALA B 62 -19.13 -4.42 4.56
C ALA B 62 -18.65 -4.89 3.16
N ARG B 63 -17.43 -4.54 2.78
CA ARG B 63 -16.97 -4.92 1.44
C ARG B 63 -16.94 -6.44 1.31
N SER B 64 -16.58 -7.10 2.40
CA SER B 64 -16.47 -8.54 2.45
C SER B 64 -17.82 -9.28 2.36
N LEU B 65 -18.84 -8.77 3.04
CA LEU B 65 -20.20 -9.29 2.93
C LEU B 65 -20.77 -9.11 1.51
N GLN B 66 -20.55 -7.95 0.92
CA GLN B 66 -20.97 -7.68 -0.45
C GLN B 66 -20.47 -8.77 -1.41
N ILE B 67 -19.17 -9.04 -1.39
CA ILE B 67 -18.56 -10.11 -2.21
C ILE B 67 -19.11 -11.48 -1.77
N GLY B 68 -19.10 -11.73 -0.47
CA GLY B 68 -19.60 -12.98 0.09
C GLY B 68 -21.02 -13.37 -0.32
N ARG B 69 -21.91 -12.39 -0.41
CA ARG B 69 -23.32 -12.65 -0.69
C ARG B 69 -23.67 -12.59 -2.18
N ALA B 70 -22.83 -11.95 -3.00
CA ALA B 70 -22.99 -12.08 -4.45
C ALA B 70 -22.90 -13.56 -4.92
N SER B 71 -22.12 -14.38 -4.21
CA SER B 71 -21.95 -15.81 -4.52
C SER B 71 -22.81 -16.72 -3.63
N VAL C 1 18.95 23.77 -17.19
CA VAL C 1 18.14 23.19 -16.08
C VAL C 1 17.86 24.28 -15.04
N PRO C 2 16.73 24.19 -14.33
CA PRO C 2 16.40 25.09 -13.23
C PRO C 2 17.46 25.02 -12.16
N MET C 3 17.72 26.14 -11.49
CA MET C 3 18.85 26.27 -10.60
C MET C 3 18.39 26.35 -9.18
N GLY C 4 19.28 25.94 -8.28
CA GLY C 4 19.05 25.96 -6.82
C GLY C 4 17.91 25.12 -6.30
N LYS C 5 17.60 25.29 -5.02
CA LYS C 5 16.44 24.65 -4.43
C LYS C 5 15.21 25.42 -4.81
N PHE C 6 14.16 24.71 -5.24
CA PHE C 6 12.94 25.38 -5.67
C PHE C 6 11.69 24.52 -5.50
N ALA C 7 10.57 25.22 -5.36
CA ALA C 7 9.25 24.62 -5.31
C ALA C 7 8.83 24.13 -6.71
N MET C 8 8.03 23.08 -6.77
CA MET C 8 7.60 22.52 -8.02
C MET C 8 6.67 23.52 -8.71
N TYR C 9 6.67 23.52 -10.04
CA TYR C 9 5.91 24.49 -10.82
C TYR C 9 5.41 23.87 -12.11
N PRO C 10 4.29 24.38 -12.64
CA PRO C 10 3.58 23.74 -13.74
C PRO C 10 4.41 23.30 -14.93
N ASP C 11 5.27 24.17 -15.43
CA ASP C 11 5.99 23.86 -16.67
C ASP C 11 7.21 22.99 -16.44
N TRP C 12 7.43 22.54 -15.22
CA TRP C 12 8.62 21.72 -14.94
C TRP C 12 8.68 20.47 -15.81
N GLN C 13 9.89 20.08 -16.17
CA GLN C 13 10.13 18.86 -16.92
C GLN C 13 11.47 18.26 -16.54
N PRO C 14 11.54 16.92 -16.50
CA PRO C 14 12.84 16.29 -16.32
C PRO C 14 13.64 16.32 -17.61
N ASP C 15 14.92 16.01 -17.51
CA ASP C 15 15.83 15.95 -18.66
C ASP C 15 15.36 14.95 -19.73
N ALA C 16 15.82 15.17 -20.97
CA ALA C 16 15.50 14.28 -22.07
C ALA C 16 16.05 12.86 -21.89
N ASP C 17 17.23 12.77 -21.28
CA ASP C 17 17.82 11.46 -20.95
C ASP C 17 17.38 10.93 -19.57
N PHE C 18 16.25 11.41 -19.07
CA PHE C 18 15.71 11.01 -17.77
C PHE C 18 15.62 9.50 -17.59
N ILE C 19 15.19 8.81 -18.63
CA ILE C 19 15.04 7.35 -18.64
C ILE C 19 16.33 6.61 -18.23
N ARG C 20 17.45 7.03 -18.81
CA ARG C 20 18.72 6.38 -18.54
C ARG C 20 19.21 6.74 -17.13
N LEU C 21 18.94 7.97 -16.69
CA LEU C 21 19.25 8.37 -15.31
C LEU C 21 18.53 7.49 -14.33
N ALA C 22 17.26 7.23 -14.61
CA ALA C 22 16.42 6.45 -13.70
C ALA C 22 16.95 5.04 -13.58
N ALA C 23 17.52 4.54 -14.67
CA ALA C 23 18.06 3.20 -14.68
C ALA C 23 19.33 3.19 -13.84
N LEU C 24 20.19 4.19 -14.05
CA LEU C 24 21.41 4.33 -13.23
C LEU C 24 21.12 4.35 -11.71
N TRP C 25 19.94 4.83 -11.33
CA TRP C 25 19.54 4.94 -9.93
C TRP C 25 18.67 3.77 -9.51
N GLY C 26 18.63 2.72 -10.32
CA GLY C 26 17.86 1.51 -9.96
C GLY C 26 16.36 1.52 -10.21
N VAL C 27 15.90 2.31 -11.17
CA VAL C 27 14.50 2.25 -11.56
C VAL C 27 14.41 2.04 -13.05
N ALA C 28 14.07 0.82 -13.45
CA ALA C 28 14.06 0.43 -14.85
C ALA C 28 12.68 0.69 -15.42
N LEU C 29 12.60 1.65 -16.32
CA LEU C 29 11.34 2.10 -16.86
C LEU C 29 11.13 1.56 -18.27
N ARG C 30 10.06 0.78 -18.42
CA ARG C 30 9.77 0.12 -19.68
C ARG C 30 9.38 1.16 -20.72
N GLU C 31 8.42 2.01 -20.35
CA GLU C 31 7.88 3.03 -21.23
C GLU C 31 8.28 4.44 -20.75
N PRO C 32 8.20 5.45 -21.65
CA PRO C 32 8.55 6.82 -21.25
C PRO C 32 7.47 7.51 -20.41
N VAL C 33 7.80 8.67 -19.85
CA VAL C 33 6.91 9.39 -18.93
C VAL C 33 5.74 10.02 -19.68
N THR C 34 4.51 9.77 -19.25
CA THR C 34 3.35 10.33 -19.94
C THR C 34 3.09 11.72 -19.42
N THR C 35 2.38 12.51 -20.22
CA THR C 35 1.89 13.82 -19.84
C THR C 35 1.13 13.79 -18.50
N GLU C 36 0.23 12.81 -18.34
CA GLU C 36 -0.66 12.76 -17.16
C GLU C 36 0.09 12.40 -15.88
N GLU C 37 1.03 11.45 -16.02
CA GLU C 37 1.88 11.06 -14.90
C GLU C 37 2.64 12.29 -14.37
N LEU C 38 3.17 13.06 -15.30
CA LEU C 38 3.88 14.28 -14.96
C LEU C 38 2.96 15.35 -14.33
N ALA C 39 1.79 15.56 -14.91
CA ALA C 39 0.84 16.54 -14.37
C ALA C 39 0.42 16.16 -12.95
N SER C 40 0.16 14.88 -12.75
CA SER C 40 -0.16 14.33 -11.45
C SER C 40 0.96 14.62 -10.43
N PHE C 41 2.20 14.29 -10.80
CA PHE C 41 3.36 14.52 -9.95
C PHE C 41 3.49 16.01 -9.60
N ILE C 42 3.42 16.84 -10.64
CA ILE C 42 3.64 18.26 -10.48
C ILE C 42 2.60 18.87 -9.58
N ALA C 43 1.35 18.48 -9.79
CA ALA C 43 0.26 18.94 -8.93
C ALA C 43 0.55 18.57 -7.47
N TYR C 44 0.95 17.32 -7.24
CA TYR C 44 1.13 16.84 -5.87
C TYR C 44 2.16 17.70 -5.15
N TRP C 45 3.35 17.80 -5.72
CA TRP C 45 4.46 18.49 -5.09
C TRP C 45 4.38 20.02 -5.13
N GLN C 46 3.62 20.54 -6.09
CA GLN C 46 3.40 21.96 -6.14
C GLN C 46 2.60 22.38 -4.94
N ALA C 47 1.57 21.62 -4.59
CA ALA C 47 0.77 21.88 -3.40
C ALA C 47 1.60 21.76 -2.12
N GLU C 48 2.46 20.74 -2.09
CA GLU C 48 3.22 20.38 -0.89
C GLU C 48 4.16 21.50 -0.45
N GLY C 49 4.74 22.20 -1.41
CA GLY C 49 5.53 23.38 -1.10
C GLY C 49 7.00 23.13 -0.87
N LYS C 50 7.38 21.87 -0.65
CA LYS C 50 8.80 21.57 -0.39
C LYS C 50 9.67 22.00 -1.55
N VAL C 51 10.94 22.25 -1.26
CA VAL C 51 11.90 22.76 -2.26
C VAL C 51 13.05 21.79 -2.47
N PHE C 52 13.45 21.58 -3.72
CA PHE C 52 14.55 20.66 -4.04
C PHE C 52 15.31 21.15 -5.25
N HIS C 53 16.49 20.57 -5.42
CA HIS C 53 17.27 20.78 -6.60
C HIS C 53 16.65 19.94 -7.71
N HIS C 54 16.77 20.40 -8.95
CA HIS C 54 16.29 19.68 -10.14
C HIS C 54 16.55 18.17 -10.15
N VAL C 55 17.79 17.75 -9.91
CA VAL C 55 18.15 16.31 -9.92
C VAL C 55 17.40 15.56 -8.82
N GLN C 56 17.23 16.19 -7.66
CA GLN C 56 16.51 15.57 -6.57
C GLN C 56 15.05 15.39 -6.96
N TRP C 57 14.51 16.40 -7.64
CA TRP C 57 13.14 16.32 -8.13
C TRP C 57 13.00 15.16 -9.09
N GLN C 58 14.01 14.97 -9.93
CA GLN C 58 14.01 13.86 -10.89
C GLN C 58 14.08 12.50 -10.21
N GLN C 59 14.84 12.42 -9.12
CA GLN C 59 14.88 11.21 -8.33
C GLN C 59 13.56 10.89 -7.67
N LYS C 60 12.86 11.92 -7.21
CA LYS C 60 11.51 11.74 -6.65
C LYS C 60 10.50 11.26 -7.70
N LEU C 61 10.64 11.73 -8.94
CA LEU C 61 9.76 11.30 -10.04
C LEU C 61 10.02 9.83 -10.38
N ALA C 62 11.29 9.46 -10.44
CA ALA C 62 11.66 8.07 -10.65
C ALA C 62 11.09 7.16 -9.55
N ARG C 63 11.25 7.50 -8.27
CA ARG C 63 10.74 6.62 -7.22
C ARG C 63 9.22 6.51 -7.34
N SER C 64 8.59 7.64 -7.62
CA SER C 64 7.14 7.71 -7.75
C SER C 64 6.61 6.88 -8.91
N LEU C 65 7.21 7.00 -10.10
CA LEU C 65 6.80 6.18 -11.25
C LEU C 65 6.90 4.68 -10.97
N GLN C 66 8.04 4.24 -10.45
CA GLN C 66 8.18 2.87 -9.96
C GLN C 66 6.97 2.42 -9.14
N ILE C 67 6.71 3.06 -8.00
CA ILE C 67 5.52 2.73 -7.20
C ILE C 67 4.26 2.78 -8.08
N GLY C 68 4.10 3.89 -8.79
CA GLY C 68 2.87 4.12 -9.56
C GLY C 68 2.56 3.05 -10.59
N ARG C 69 3.58 2.46 -11.18
CA ARG C 69 3.41 1.44 -12.21
C ARG C 69 3.44 -0.01 -11.68
N ALA C 70 2.88 -0.22 -10.49
CA ALA C 70 2.80 -1.55 -9.87
C ALA C 70 1.40 -1.79 -9.29
N VAL D 1 0.78 -25.68 10.24
CA VAL D 1 1.66 -25.84 11.45
C VAL D 1 2.97 -25.01 11.48
N PRO D 2 3.50 -24.60 10.31
CA PRO D 2 4.37 -23.44 10.44
C PRO D 2 3.64 -22.28 11.10
N MET D 3 4.35 -21.43 11.81
CA MET D 3 3.79 -20.18 12.29
C MET D 3 4.01 -19.17 11.17
N GLY D 4 3.21 -18.12 11.16
CA GLY D 4 3.26 -17.13 10.08
C GLY D 4 2.61 -17.61 8.80
N LYS D 5 2.71 -16.80 7.75
CA LYS D 5 2.24 -17.18 6.43
C LYS D 5 3.16 -18.21 5.86
N PHE D 6 2.62 -19.12 5.06
CA PHE D 6 3.46 -20.09 4.30
C PHE D 6 2.80 -20.55 2.99
N ALA D 7 3.64 -21.02 2.07
CA ALA D 7 3.18 -21.65 0.83
C ALA D 7 2.67 -23.02 1.17
N MET D 8 1.72 -23.51 0.38
CA MET D 8 1.11 -24.81 0.62
C MET D 8 2.15 -25.88 0.31
N TYR D 9 2.06 -27.00 1.02
CA TYR D 9 3.01 -28.08 0.89
C TYR D 9 2.33 -29.45 1.01
N PRO D 10 2.98 -30.53 0.48
CA PRO D 10 2.31 -31.83 0.27
C PRO D 10 1.74 -32.52 1.53
N ASP D 11 2.44 -32.48 2.66
CA ASP D 11 1.91 -33.14 3.85
C ASP D 11 1.08 -32.21 4.77
N TRP D 12 0.65 -31.05 4.25
CA TRP D 12 -0.26 -30.17 4.98
C TRP D 12 -1.60 -30.83 5.29
N GLN D 13 -2.15 -30.53 6.46
CA GLN D 13 -3.49 -30.99 6.87
C GLN D 13 -4.23 -29.91 7.68
N PRO D 14 -5.56 -29.79 7.50
CA PRO D 14 -6.31 -28.93 8.41
C PRO D 14 -6.43 -29.57 9.80
N ASP D 15 -6.96 -28.82 10.76
CA ASP D 15 -7.13 -29.33 12.12
C ASP D 15 -8.07 -30.54 12.16
N ALA D 16 -8.00 -31.31 13.25
CA ALA D 16 -8.92 -32.44 13.47
C ALA D 16 -10.38 -31.97 13.61
N ASP D 17 -10.58 -30.81 14.24
CA ASP D 17 -11.92 -30.22 14.31
C ASP D 17 -12.33 -29.38 13.08
N PHE D 18 -11.69 -29.62 11.94
CA PHE D 18 -11.97 -28.84 10.74
C PHE D 18 -13.46 -28.73 10.41
N ILE D 19 -14.18 -29.83 10.52
CA ILE D 19 -15.61 -29.82 10.17
C ILE D 19 -16.41 -28.87 11.07
N ARG D 20 -16.14 -28.86 12.38
CA ARG D 20 -16.82 -27.92 13.26
C ARG D 20 -16.46 -26.47 12.95
N LEU D 21 -15.19 -26.21 12.62
CA LEU D 21 -14.75 -24.87 12.26
C LEU D 21 -15.50 -24.37 11.04
N ALA D 22 -15.49 -25.18 9.99
CA ALA D 22 -16.19 -24.84 8.76
C ALA D 22 -17.62 -24.42 9.06
N ALA D 23 -18.29 -25.13 9.96
CA ALA D 23 -19.67 -24.82 10.35
C ALA D 23 -19.74 -23.44 10.99
N LEU D 24 -18.81 -23.16 11.89
CA LEU D 24 -18.71 -21.86 12.55
C LEU D 24 -18.43 -20.72 11.56
N TRP D 25 -17.86 -21.05 10.40
CA TRP D 25 -17.69 -20.07 9.33
C TRP D 25 -18.84 -20.11 8.30
N GLY D 26 -19.88 -20.90 8.56
CA GLY D 26 -21.08 -20.93 7.71
C GLY D 26 -20.95 -21.87 6.53
N VAL D 27 -20.17 -22.93 6.70
CA VAL D 27 -20.04 -23.96 5.68
C VAL D 27 -20.41 -25.28 6.35
N ALA D 28 -21.60 -25.77 6.04
CA ALA D 28 -22.09 -27.02 6.60
C ALA D 28 -21.64 -28.17 5.72
N LEU D 29 -20.81 -29.06 6.27
CA LEU D 29 -20.29 -30.21 5.54
C LEU D 29 -20.89 -31.51 6.09
N ARG D 30 -21.57 -32.25 5.22
CA ARG D 30 -22.22 -33.50 5.59
C ARG D 30 -21.27 -34.69 5.39
N GLU D 31 -20.16 -34.46 4.70
CA GLU D 31 -19.15 -35.49 4.45
C GLU D 31 -17.80 -34.99 4.91
N PRO D 32 -16.98 -35.88 5.50
CA PRO D 32 -15.64 -35.44 5.87
C PRO D 32 -14.74 -35.19 4.66
N VAL D 33 -13.59 -34.59 4.90
CA VAL D 33 -12.62 -34.35 3.85
C VAL D 33 -12.11 -35.70 3.32
N THR D 34 -11.98 -35.81 2.00
CA THR D 34 -11.32 -36.98 1.41
C THR D 34 -9.86 -36.67 1.08
N THR D 35 -9.03 -37.70 1.14
CA THR D 35 -7.61 -37.58 0.73
C THR D 35 -7.48 -37.04 -0.70
N GLU D 36 -8.47 -37.30 -1.57
CA GLU D 36 -8.43 -36.82 -2.96
C GLU D 36 -8.75 -35.35 -3.13
N GLU D 37 -9.78 -34.88 -2.45
CA GLU D 37 -10.08 -33.45 -2.43
C GLU D 37 -8.89 -32.66 -1.87
N LEU D 38 -8.29 -33.16 -0.79
CA LEU D 38 -7.19 -32.47 -0.14
C LEU D 38 -5.94 -32.44 -1.05
N ALA D 39 -5.59 -33.56 -1.67
CA ALA D 39 -4.49 -33.61 -2.66
C ALA D 39 -4.70 -32.61 -3.81
N SER D 40 -5.92 -32.50 -4.27
CA SER D 40 -6.29 -31.58 -5.34
C SER D 40 -6.11 -30.13 -4.94
N PHE D 41 -6.57 -29.81 -3.74
CA PHE D 41 -6.42 -28.46 -3.20
C PHE D 41 -4.93 -28.13 -3.05
N ILE D 42 -4.17 -29.06 -2.46
CA ILE D 42 -2.75 -28.86 -2.18
C ILE D 42 -1.97 -28.67 -3.48
N ALA D 43 -2.15 -29.60 -4.41
CA ALA D 43 -1.49 -29.53 -5.71
C ALA D 43 -1.74 -28.18 -6.42
N TYR D 44 -2.99 -27.73 -6.43
CA TYR D 44 -3.30 -26.43 -7.01
C TYR D 44 -2.53 -25.28 -6.36
N TRP D 45 -2.63 -25.19 -5.03
CA TRP D 45 -2.07 -24.04 -4.32
C TRP D 45 -0.58 -24.09 -4.08
N GLN D 46 -0.03 -25.31 -4.03
CA GLN D 46 1.42 -25.48 -3.99
C GLN D 46 2.07 -24.91 -5.24
N ALA D 47 1.51 -25.22 -6.41
CA ALA D 47 1.99 -24.65 -7.68
C ALA D 47 1.86 -23.12 -7.67
N GLU D 48 0.71 -22.63 -7.22
CA GLU D 48 0.44 -21.19 -7.21
C GLU D 48 1.55 -20.44 -6.48
N GLY D 49 1.94 -20.92 -5.30
CA GLY D 49 3.03 -20.33 -4.52
C GLY D 49 2.61 -19.18 -3.60
N LYS D 50 1.31 -18.92 -3.53
CA LYS D 50 0.81 -17.86 -2.66
C LYS D 50 0.94 -18.29 -1.19
N VAL D 51 1.02 -17.32 -0.28
CA VAL D 51 1.27 -17.62 1.14
C VAL D 51 0.14 -17.13 2.06
N PHE D 52 -0.23 -17.98 3.02
CA PHE D 52 -1.27 -17.66 3.99
C PHE D 52 -1.00 -18.30 5.34
N HIS D 53 -1.63 -17.73 6.36
CA HIS D 53 -1.70 -18.33 7.66
C HIS D 53 -2.54 -19.59 7.58
N HIS D 54 -2.23 -20.54 8.44
CA HIS D 54 -2.93 -21.82 8.57
C HIS D 54 -4.46 -21.67 8.58
N VAL D 55 -4.97 -20.73 9.37
CA VAL D 55 -6.42 -20.54 9.52
C VAL D 55 -7.04 -20.04 8.22
N GLN D 56 -6.30 -19.23 7.48
CA GLN D 56 -6.77 -18.71 6.19
C GLN D 56 -6.75 -19.82 5.14
N TRP D 57 -5.71 -20.66 5.18
CA TRP D 57 -5.70 -21.84 4.31
C TRP D 57 -6.93 -22.68 4.57
N GLN D 58 -7.26 -22.88 5.84
CA GLN D 58 -8.38 -23.72 6.21
C GLN D 58 -9.70 -23.12 5.72
N GLN D 59 -9.80 -21.79 5.71
CA GLN D 59 -10.96 -21.12 5.14
C GLN D 59 -11.04 -21.30 3.63
N LYS D 60 -9.89 -21.22 2.96
CA LYS D 60 -9.87 -21.49 1.54
C LYS D 60 -10.30 -22.92 1.23
N LEU D 61 -9.92 -23.85 2.10
CA LEU D 61 -10.33 -25.25 1.91
C LEU D 61 -11.83 -25.42 2.11
N ALA D 62 -12.37 -24.75 3.13
CA ALA D 62 -13.81 -24.82 3.39
C ALA D 62 -14.64 -24.26 2.23
N ARG D 63 -14.24 -23.09 1.73
CA ARG D 63 -14.93 -22.46 0.62
C ARG D 63 -14.83 -23.37 -0.62
N SER D 64 -13.66 -23.93 -0.81
CA SER D 64 -13.35 -24.72 -2.00
C SER D 64 -14.18 -26.00 -2.05
N LEU D 65 -14.34 -26.64 -0.90
CA LEU D 65 -15.18 -27.82 -0.75
C LEU D 65 -16.67 -27.52 -0.98
N GLN D 66 -17.15 -26.44 -0.36
CA GLN D 66 -18.50 -25.96 -0.59
C GLN D 66 -18.78 -25.88 -2.09
N ILE D 67 -17.97 -25.10 -2.81
CA ILE D 67 -18.15 -24.96 -4.25
C ILE D 67 -18.06 -26.33 -4.88
N GLY D 68 -16.96 -27.05 -4.65
CA GLY D 68 -16.70 -28.35 -5.29
C GLY D 68 -17.82 -29.36 -5.15
N ARG D 69 -18.42 -29.42 -3.97
CA ARG D 69 -19.48 -30.38 -3.71
C ARG D 69 -20.84 -29.96 -4.24
N ALA D 70 -21.10 -28.64 -4.27
CA ALA D 70 -22.31 -28.06 -4.92
C ALA D 70 -22.46 -28.50 -6.38
N SER D 71 -21.38 -28.38 -7.15
CA SER D 71 -21.33 -28.87 -8.53
C SER D 71 -21.73 -30.35 -8.64
N VAL E 1 37.61 9.60 1.41
CA VAL E 1 39.11 9.63 1.48
C VAL E 1 39.69 11.01 1.87
N PRO E 2 39.23 12.11 1.23
CA PRO E 2 39.69 13.43 1.67
C PRO E 2 39.47 13.64 3.16
N MET E 3 40.43 14.29 3.81
CA MET E 3 40.35 14.56 5.24
C MET E 3 39.51 15.81 5.45
N GLY E 4 38.89 15.91 6.63
CA GLY E 4 38.02 17.05 6.92
C GLY E 4 36.74 17.02 6.13
N LYS E 5 35.94 18.06 6.28
CA LYS E 5 34.68 18.11 5.59
C LYS E 5 34.88 18.20 4.08
N PHE E 6 33.98 17.60 3.31
CA PHE E 6 34.02 17.72 1.86
C PHE E 6 32.64 17.49 1.23
N ALA E 7 32.45 18.12 0.08
CA ALA E 7 31.28 17.94 -0.76
C ALA E 7 31.28 16.56 -1.39
N MET E 8 30.11 15.99 -1.55
CA MET E 8 30.02 14.68 -2.20
C MET E 8 30.51 14.80 -3.65
N TYR E 9 31.16 13.74 -4.14
CA TYR E 9 31.70 13.69 -5.49
C TYR E 9 31.51 12.29 -6.11
N PRO E 10 31.45 12.20 -7.46
CA PRO E 10 31.07 10.96 -8.16
C PRO E 10 31.79 9.67 -7.79
N ASP E 11 33.11 9.70 -7.64
CA ASP E 11 33.87 8.48 -7.29
C ASP E 11 33.82 8.05 -5.81
N TRP E 12 33.08 8.75 -4.97
CA TRP E 12 33.05 8.45 -3.52
C TRP E 12 32.56 7.03 -3.24
N GLN E 13 33.15 6.40 -2.24
CA GLN E 13 32.68 5.11 -1.74
C GLN E 13 32.77 5.09 -0.23
N PRO E 14 31.90 4.31 0.42
CA PRO E 14 32.06 4.07 1.86
C PRO E 14 33.12 3.01 2.10
N ASP E 15 33.54 2.87 3.35
CA ASP E 15 34.50 1.84 3.73
C ASP E 15 34.05 0.42 3.36
N ALA E 16 35.02 -0.49 3.29
CA ALA E 16 34.76 -1.88 2.92
C ALA E 16 33.91 -2.61 3.96
N ASP E 17 34.03 -2.23 5.23
CA ASP E 17 33.25 -2.84 6.32
C ASP E 17 31.98 -2.03 6.64
N PHE E 18 31.41 -1.40 5.62
CA PHE E 18 30.32 -0.47 5.81
C PHE E 18 29.10 -1.16 6.44
N ILE E 19 28.84 -2.40 6.03
CA ILE E 19 27.77 -3.19 6.64
C ILE E 19 27.91 -3.32 8.16
N ARG E 20 29.12 -3.60 8.63
CA ARG E 20 29.32 -3.73 10.07
C ARG E 20 29.04 -2.42 10.77
N LEU E 21 29.55 -1.32 10.20
CA LEU E 21 29.30 -0.01 10.77
C LEU E 21 27.81 0.23 10.87
N ALA E 22 27.13 0.13 9.74
CA ALA E 22 25.70 0.37 9.70
C ALA E 22 24.94 -0.43 10.76
N ALA E 23 25.38 -1.64 11.04
CA ALA E 23 24.76 -2.40 12.12
C ALA E 23 25.10 -1.76 13.48
N LEU E 24 26.34 -1.31 13.67
CA LEU E 24 26.71 -0.62 14.91
C LEU E 24 25.86 0.62 15.16
N TRP E 25 25.47 1.29 14.08
CA TRP E 25 24.63 2.48 14.17
C TRP E 25 23.14 2.18 14.11
N GLY E 26 22.75 0.92 14.23
CA GLY E 26 21.35 0.54 14.36
C GLY E 26 20.64 0.25 13.05
N VAL E 27 21.41 0.08 11.97
CA VAL E 27 20.81 -0.20 10.67
C VAL E 27 21.29 -1.57 10.16
N ALA E 28 20.41 -2.56 10.28
CA ALA E 28 20.74 -3.94 9.90
C ALA E 28 20.39 -4.19 8.44
N LEU E 29 21.39 -4.20 7.58
CA LEU E 29 21.16 -4.39 6.16
C LEU E 29 21.13 -5.87 5.79
N ARG E 30 19.92 -6.37 5.55
CA ARG E 30 19.72 -7.75 5.13
C ARG E 30 20.41 -7.98 3.81
N GLU E 31 20.54 -6.90 3.04
CA GLU E 31 21.31 -6.92 1.80
C GLU E 31 22.32 -5.76 1.77
N PRO E 32 23.48 -5.95 1.11
CA PRO E 32 24.51 -4.91 1.07
C PRO E 32 24.12 -3.72 0.16
N VAL E 33 25.06 -2.80 -0.10
CA VAL E 33 24.79 -1.58 -0.88
C VAL E 33 24.95 -1.78 -2.38
N THR E 34 23.91 -1.49 -3.14
CA THR E 34 23.96 -1.64 -4.59
C THR E 34 24.61 -0.42 -5.24
N THR E 35 25.28 -0.64 -6.36
CA THR E 35 25.94 0.42 -7.10
C THR E 35 24.94 1.51 -7.45
N GLU E 36 23.68 1.13 -7.65
CA GLU E 36 22.62 2.06 -8.04
C GLU E 36 22.25 2.97 -6.89
N GLU E 37 21.94 2.36 -5.75
CA GLU E 37 21.65 3.12 -4.53
C GLU E 37 22.78 4.09 -4.29
N LEU E 38 24.01 3.65 -4.48
CA LEU E 38 25.14 4.55 -4.28
C LEU E 38 25.09 5.76 -5.22
N ALA E 39 24.90 5.53 -6.52
CA ALA E 39 24.86 6.63 -7.49
C ALA E 39 23.70 7.61 -7.19
N SER E 40 22.61 7.06 -6.74
CA SER E 40 21.44 7.82 -6.36
C SER E 40 21.78 8.73 -5.18
N PHE E 41 22.40 8.16 -4.15
CA PHE E 41 22.83 8.92 -2.99
C PHE E 41 23.84 10.01 -3.33
N ILE E 42 24.76 9.69 -4.25
CA ILE E 42 25.79 10.64 -4.65
C ILE E 42 25.18 11.80 -5.44
N ALA E 43 24.33 11.50 -6.41
CA ALA E 43 23.68 12.56 -7.19
C ALA E 43 22.84 13.50 -6.31
N TYR E 44 22.05 12.95 -5.40
CA TYR E 44 21.31 13.75 -4.42
C TYR E 44 22.17 14.78 -3.68
N TRP E 45 23.21 14.30 -2.98
CA TRP E 45 24.00 15.14 -2.06
C TRP E 45 25.02 16.05 -2.74
N GLN E 46 25.45 15.64 -3.93
CA GLN E 46 26.33 16.44 -4.75
C GLN E 46 25.56 17.67 -5.21
N ALA E 47 24.28 17.49 -5.57
CA ALA E 47 23.38 18.59 -5.89
C ALA E 47 23.14 19.51 -4.69
N GLU E 48 23.02 18.89 -3.52
CA GLU E 48 22.70 19.60 -2.29
C GLU E 48 23.80 20.54 -1.87
N GLY E 49 25.04 20.19 -2.20
CA GLY E 49 26.20 21.05 -1.92
C GLY E 49 26.76 21.07 -0.51
N LYS E 50 26.11 20.43 0.46
CA LYS E 50 26.63 20.41 1.81
C LYS E 50 27.94 19.64 1.91
N VAL E 51 28.73 19.99 2.93
CA VAL E 51 29.99 19.30 3.25
C VAL E 51 29.93 18.51 4.56
N PHE E 52 30.65 17.41 4.62
CA PHE E 52 30.65 16.51 5.77
C PHE E 52 31.94 15.71 5.84
N HIS E 53 32.22 15.19 7.04
CA HIS E 53 33.28 14.22 7.22
C HIS E 53 32.87 12.86 6.63
N HIS E 54 33.85 12.15 6.14
CA HIS E 54 33.64 10.83 5.59
C HIS E 54 32.65 10.04 6.44
N VAL E 55 32.90 9.92 7.73
CA VAL E 55 32.09 9.08 8.61
C VAL E 55 30.65 9.61 8.69
N GLN E 56 30.49 10.92 8.62
CA GLN E 56 29.14 11.51 8.59
C GLN E 56 28.40 11.18 7.29
N TRP E 57 29.10 11.26 6.16
CA TRP E 57 28.56 10.78 4.88
C TRP E 57 28.09 9.33 4.99
N GLN E 58 28.90 8.50 5.61
CA GLN E 58 28.54 7.10 5.76
C GLN E 58 27.28 6.88 6.61
N GLN E 59 27.08 7.72 7.63
CA GLN E 59 25.84 7.69 8.43
C GLN E 59 24.62 8.11 7.64
N LYS E 60 24.79 9.11 6.77
CA LYS E 60 23.71 9.55 5.90
C LYS E 60 23.34 8.48 4.90
N LEU E 61 24.34 7.78 4.38
CA LEU E 61 24.07 6.64 3.51
C LEU E 61 23.26 5.59 4.24
N ALA E 62 23.72 5.23 5.44
CA ALA E 62 23.08 4.19 6.22
C ALA E 62 21.63 4.54 6.57
N ARG E 63 21.38 5.76 7.03
CA ARG E 63 20.02 6.18 7.38
C ARG E 63 19.15 6.15 6.11
N SER E 64 19.72 6.63 5.03
CA SER E 64 19.07 6.65 3.71
C SER E 64 18.60 5.28 3.25
N LEU E 65 19.53 4.32 3.15
CA LEU E 65 19.21 2.94 2.78
C LEU E 65 18.15 2.32 3.69
N GLN E 66 18.18 2.65 4.97
CA GLN E 66 17.16 2.19 5.90
C GLN E 66 15.78 2.66 5.46
N ILE E 67 15.65 3.96 5.24
CA ILE E 67 14.39 4.54 4.79
C ILE E 67 14.01 4.06 3.38
N GLY E 68 14.95 4.10 2.44
CA GLY E 68 14.69 3.68 1.04
C GLY E 68 14.20 2.24 0.87
N ARG E 69 14.72 1.33 1.67
CA ARG E 69 14.32 -0.09 1.65
C ARG E 69 13.15 -0.46 2.58
N ALA E 70 12.69 0.48 3.41
CA ALA E 70 11.55 0.19 4.32
C ALA E 70 10.22 -0.08 3.58
N SER E 71 10.15 0.30 2.30
CA SER E 71 8.94 0.10 1.46
C SER E 71 8.47 -1.35 1.42
#